data_8VIF
#
_entry.id   8VIF
#
_cell.length_a   1.00
_cell.length_b   1.00
_cell.length_c   1.00
_cell.angle_alpha   90.00
_cell.angle_beta   90.00
_cell.angle_gamma   90.00
#
_symmetry.space_group_name_H-M   'P 1'
#
loop_
_entity.id
_entity.type
_entity.pdbx_description
1 polymer 'SC27 Fab heavy chain'
2 polymer 'SC27 Fab light chain'
3 polymer 'Spike glycoprotein'
4 non-polymer 2-acetamido-2-deoxy-beta-D-glucopyranose
#
loop_
_entity_poly.entity_id
_entity_poly.type
_entity_poly.pdbx_seq_one_letter_code
_entity_poly.pdbx_strand_id
1 'polypeptide(L)'
;VTLKESGPVLLKPTETLTLTCTVSGFSLSNVGMGVSWIRQPPGKALEWLADIFSNDEKSYSTSLKSRLTISRDTSKSQVV
LSMTNMDPVDTATYYCARLANYDFWSGYSRFSAQFDNWGQGTLVTVSS
;
H
2 'polypeptide(L)'
;QSVLTQPPSVSGAPGQRVTISCTGSSSNIGAGYDVHWYQQLPGTAPKLLIYDNNNRPSGVPDRFSGSKSGTSASLAITGL
QAEDEADYYCQSFDSSSLTGSRVFGGGTKLTVL
;
L
3 'polypeptide(L)'
;METDTLLLWVLLLWVPGSTGDMFVFLVLLPLVSSQCVNLTTRTQLPPAYTNSFTRGVYYPDKVFRSSVLHSTQDLFLPFF
SNVTWFHVISGTNGTKRFDNPVLPFNDGVYFASIEKSNIIRGWIFGTTLDSKTQSLLIVNNATNVVIKVCEFQFCNDPFL
DHKNNKSWMESEFRVYSSANNCTFEYVSQPFLMDLEGKQGNFKNLREFVFKNIDGYFKIYSKHTPIIVREPEDLPQGFSA
LEPLVDLPIGINITRFQTLLALHRSYLTPGDSSSGWTAGAAAYYVGYLQPRTFLLKYNENGTITDAVDCALDPLSETKCT
LKSFTVEKGIYQTSNFRVQPTESIVRFPNITNLCPFDEVFNATRFASVYAWNRKRISNCVADYSVLYNLAPFFTFKCYGV
SPTKLNDLCFTNVYADSFVIRGDEVRQIAPGQTGNIADYNYKLPDDFTGCVIAWNSNKLDSKVSGNYNYLYRLFRKSNLK
PFERDISTEIYQAGNKPCNGVAGFNCYFPLRSYSFRPTYGVGHQPYRVVVLSFELLHAPATVCGPKKSTNLVKNKCVNFN
FNGLKGTGVLTESNKKFLPFQQFGRDIADTTDAVRDPQTLEILDITPCSFGGVSVITPGTNTSNQVAVLYQGVNCTEVPV
AIHADQLTPTWRVYSTGSNVFQTRAGCLIGAEYVNNSYECDIPIGAGICASYQTQTKSHGSASSVASQSIIAYTMSLGAE
NSVAYSNNSIAIPTNFTISVTTEILPVSMTKTSVDCTMYICGDSTECSNLLLQYGSFCTQLKRALTGIAVEQDKNTQEVF
AQVKQIYKTPPIKYFGGFNFSQILPDPSKPSKRSPIEDLLFNKVTLADAGFIKQYGDCLGDIAARDLICAQKFKGLTVLP
PLLTDEMIAQYTSALLAGTITSGWTFGAGPALQIPFPMQMAYRFNGIGVTQNVLYENQKLIANQFNSAIGKIQDSLSSTP
SALGKLQDVVNHNAQALNTLVKQLSSKFGAISSVLNDIFSRLDPPEAEVQIDRLITGRLQSLQTYVTQQLIRAAEIRASA
NLAATKMSECVLGQSKRVDFCGKGYHLMSFPQSAPHGVVFLHVTYVPAQEKNFTTAPAICHDGKAHFPREGVFVSNGTHW
FVTQRNFYEPQIITTDNTFVSGNCDVVIGIVNNTVYDPLQPELDSFKEELDKYFKNHTSPDVDLGDISGINASVVNIQKE
IDRLNEVAKNLNESLIDLQELGKYEQGSGYIPEAPRDGQAYVRKDGEWVLLSTFLGRSLEVLFQGPGHHHHHHHHSAWSH
PQFEKGGGSGGGGSGGSAWSHPQFEK
;
R
#
loop_
_chem_comp.id
_chem_comp.type
_chem_comp.name
_chem_comp.formula
NAG D-saccharide, beta linking 2-acetamido-2-deoxy-beta-D-glucopyranose 'C8 H15 N O6'
#
# COMPACT_ATOMS: atom_id res chain seq x y z
N VAL A 1 5.56 9.61 19.29
CA VAL A 1 5.14 8.22 19.08
C VAL A 1 6.19 7.28 19.64
N THR A 2 5.74 6.36 20.50
CA THR A 2 6.65 5.42 21.14
C THR A 2 5.98 4.04 21.20
N LEU A 3 6.72 3.02 20.78
CA LEU A 3 6.25 1.64 20.83
C LEU A 3 7.23 0.84 21.67
N LYS A 4 6.70 0.08 22.64
CA LYS A 4 7.52 -0.69 23.56
C LYS A 4 7.01 -2.12 23.64
N GLU A 5 7.92 -3.08 23.48
CA GLU A 5 7.55 -4.48 23.56
C GLU A 5 7.75 -5.00 24.97
N SER A 6 7.23 -6.21 25.22
CA SER A 6 7.44 -6.86 26.50
C SER A 6 8.90 -7.32 26.63
N GLY A 7 9.30 -7.64 27.85
CA GLY A 7 10.66 -8.00 28.13
C GLY A 7 11.09 -9.28 27.45
N PRO A 8 12.41 -9.49 27.35
CA PRO A 8 12.92 -10.73 26.75
C PRO A 8 12.48 -11.95 27.54
N VAL A 9 12.18 -13.03 26.82
CA VAL A 9 11.67 -14.25 27.43
C VAL A 9 12.45 -15.44 26.87
N LEU A 10 12.39 -16.55 27.61
CA LEU A 10 12.98 -17.81 27.19
C LEU A 10 11.88 -18.86 27.20
N LEU A 11 11.81 -19.66 26.13
CA LEU A 11 10.78 -20.67 25.99
C LEU A 11 11.39 -22.01 25.63
N LYS A 12 10.74 -23.08 26.07
CA LYS A 12 11.08 -24.41 25.61
C LYS A 12 10.55 -24.61 24.19
N PRO A 13 11.11 -25.56 23.44
CA PRO A 13 10.54 -25.88 22.12
C PRO A 13 9.11 -26.36 22.24
N THR A 14 8.33 -26.09 21.19
CA THR A 14 6.90 -26.39 21.07
C THR A 14 6.04 -25.59 22.05
N GLU A 15 6.59 -24.59 22.72
CA GLU A 15 5.79 -23.73 23.57
C GLU A 15 5.08 -22.67 22.73
N THR A 16 4.24 -21.87 23.39
CA THR A 16 3.50 -20.80 22.75
C THR A 16 3.96 -19.47 23.33
N LEU A 17 4.35 -18.55 22.46
CA LEU A 17 4.82 -17.24 22.90
C LEU A 17 3.70 -16.22 22.85
N THR A 18 3.71 -15.28 23.80
CA THR A 18 2.79 -14.16 23.80
C THR A 18 3.58 -12.88 24.03
N LEU A 19 3.52 -11.96 23.08
CA LEU A 19 4.24 -10.70 23.15
C LEU A 19 3.24 -9.55 23.11
N THR A 20 3.46 -8.56 23.97
CA THR A 20 2.57 -7.42 24.10
C THR A 20 3.32 -6.14 23.75
N CYS A 21 2.74 -5.36 22.84
CA CYS A 21 3.30 -4.09 22.42
C CYS A 21 2.39 -2.97 22.89
N THR A 22 2.93 -2.07 23.72
CA THR A 22 2.18 -0.94 24.24
C THR A 22 2.58 0.31 23.48
N VAL A 23 1.60 1.00 22.93
CA VAL A 23 1.86 2.15 22.07
C VAL A 23 1.48 3.43 22.80
N SER A 24 2.12 4.52 22.43
CA SER A 24 1.83 5.83 22.99
C SER A 24 2.10 6.88 21.93
N GLY A 25 1.41 8.02 22.06
CA GLY A 25 1.48 9.07 21.07
C GLY A 25 0.48 8.96 19.95
N PHE A 26 -0.24 7.85 19.84
CA PHE A 26 -1.30 7.69 18.86
C PHE A 26 -2.30 6.68 19.38
N SER A 27 -3.52 6.77 18.86
CA SER A 27 -4.61 5.89 19.28
C SER A 27 -4.76 4.76 18.28
N LEU A 28 -4.99 3.54 18.80
CA LEU A 28 -5.19 2.40 17.93
C LEU A 28 -6.46 2.51 17.11
N SER A 29 -7.37 3.41 17.49
CA SER A 29 -8.60 3.59 16.73
C SER A 29 -8.43 4.55 15.56
N ASN A 30 -7.24 5.12 15.38
CA ASN A 30 -6.99 6.01 14.25
C ASN A 30 -6.99 5.21 12.96
N VAL A 31 -7.81 5.62 12.00
CA VAL A 31 -7.99 4.86 10.77
C VAL A 31 -6.75 4.89 9.88
N GLY A 32 -5.92 5.92 10.01
CA GLY A 32 -4.80 6.09 9.10
C GLY A 32 -3.57 5.30 9.46
N MET A 33 -3.57 4.56 10.56
CA MET A 33 -2.37 3.86 11.00
C MET A 33 -2.74 2.50 11.59
N GLY A 34 -1.76 1.60 11.56
CA GLY A 34 -1.89 0.29 12.17
C GLY A 34 -0.60 -0.11 12.86
N VAL A 35 -0.61 -1.31 13.41
CA VAL A 35 0.53 -1.85 14.16
C VAL A 35 0.89 -3.21 13.59
N SER A 36 2.19 -3.42 13.37
CA SER A 36 2.69 -4.65 12.76
C SER A 36 3.84 -5.20 13.59
N TRP A 37 4.16 -6.46 13.35
CA TRP A 37 5.22 -7.16 14.04
C TRP A 37 6.26 -7.67 13.04
N ILE A 38 7.53 -7.38 13.31
CA ILE A 38 8.63 -7.79 12.46
C ILE A 38 9.69 -8.44 13.35
N ARG A 39 10.23 -9.57 12.90
CA ARG A 39 11.27 -10.28 13.62
C ARG A 39 12.52 -10.37 12.76
N GLN A 40 13.68 -10.41 13.44
CA GLN A 40 14.97 -10.46 12.77
C GLN A 40 15.86 -11.48 13.47
N PRO A 41 16.23 -12.63 12.85
CA PRO A 41 17.15 -13.57 13.47
C PRO A 41 18.54 -12.96 13.56
N PRO A 42 19.33 -13.26 14.61
CA PRO A 42 20.65 -12.67 14.80
C PRO A 42 21.52 -12.76 13.56
N GLY A 43 21.84 -11.61 12.97
CA GLY A 43 22.71 -11.59 11.78
C GLY A 43 21.98 -12.11 10.56
N LYS A 44 20.66 -11.86 10.49
CA LYS A 44 19.87 -12.27 9.31
C LYS A 44 18.99 -11.09 8.86
N ALA A 45 18.22 -11.30 7.80
CA ALA A 45 17.36 -10.23 7.29
C ALA A 45 16.07 -10.13 8.08
N LEU A 46 15.41 -8.99 7.94
CA LEU A 46 14.13 -8.75 8.61
C LEU A 46 13.04 -9.61 8.00
N GLU A 47 12.03 -9.95 8.81
CA GLU A 47 10.91 -10.77 8.36
C GLU A 47 9.64 -10.23 8.99
N TRP A 48 8.69 -9.83 8.14
CA TRP A 48 7.41 -9.35 8.62
C TRP A 48 6.52 -10.51 9.03
N LEU A 49 5.81 -10.36 10.14
CA LEU A 49 5.04 -11.45 10.71
C LEU A 49 3.54 -11.22 10.64
N ALA A 50 3.03 -10.13 11.22
CA ALA A 50 1.60 -9.97 11.36
C ALA A 50 1.24 -8.51 11.18
N ASP A 51 -0.07 -8.24 11.25
CA ASP A 51 -0.59 -6.92 10.97
C ASP A 51 -1.97 -6.79 11.58
N ILE A 52 -2.28 -5.61 12.11
CA ILE A 52 -3.61 -5.31 12.61
C ILE A 52 -3.88 -3.82 12.36
N PHE A 53 -5.13 -3.50 12.07
CA PHE A 53 -5.51 -2.14 11.72
C PHE A 53 -6.66 -1.68 12.62
N SER A 54 -7.19 -0.50 12.30
CA SER A 54 -8.15 0.16 13.17
C SER A 54 -9.47 -0.61 13.25
N ASN A 55 -9.83 -1.34 12.20
CA ASN A 55 -11.10 -2.05 12.14
C ASN A 55 -10.94 -3.55 12.23
N ASP A 56 -10.01 -4.03 13.07
CA ASP A 56 -9.75 -5.45 13.30
C ASP A 56 -9.32 -6.19 12.05
N GLU A 57 -8.97 -5.49 10.97
CA GLU A 57 -8.48 -6.16 9.79
C GLU A 57 -7.04 -6.62 10.02
N LYS A 58 -6.80 -7.91 9.85
CA LYS A 58 -5.56 -8.54 10.27
C LYS A 58 -4.92 -9.26 9.10
N SER A 59 -3.60 -9.13 9.00
CA SER A 59 -2.83 -9.78 7.95
C SER A 59 -1.67 -10.51 8.59
N TYR A 60 -1.28 -11.63 7.98
CA TYR A 60 -0.23 -12.48 8.49
C TYR A 60 0.70 -12.88 7.37
N SER A 61 1.89 -13.36 7.75
CA SER A 61 2.80 -13.94 6.78
C SER A 61 2.17 -15.18 6.17
N THR A 62 2.38 -15.36 4.86
CA THR A 62 1.74 -16.49 4.17
C THR A 62 2.24 -17.82 4.72
N SER A 63 3.55 -17.95 4.95
CA SER A 63 4.10 -19.21 5.44
C SER A 63 3.81 -19.45 6.92
N LEU A 64 3.52 -18.41 7.68
CA LEU A 64 3.30 -18.53 9.12
C LEU A 64 1.90 -18.14 9.54
N LYS A 65 0.93 -18.10 8.61
CA LYS A 65 -0.41 -17.66 8.96
C LYS A 65 -1.09 -18.60 9.94
N SER A 66 -0.79 -19.90 9.87
CA SER A 66 -1.43 -20.87 10.75
C SER A 66 -0.93 -20.75 12.18
N ARG A 67 0.32 -20.32 12.37
CA ARG A 67 0.89 -20.25 13.72
C ARG A 67 0.70 -18.89 14.37
N LEU A 68 0.51 -17.85 13.56
CA LEU A 68 0.43 -16.50 14.09
C LEU A 68 -0.99 -16.15 14.52
N THR A 69 -1.08 -15.29 15.54
CA THR A 69 -2.34 -14.72 15.99
C THR A 69 -2.05 -13.36 16.60
N ILE A 70 -2.81 -12.36 16.15
CA ILE A 70 -2.61 -10.98 16.60
C ILE A 70 -3.95 -10.42 17.07
N SER A 71 -3.89 -9.49 18.01
CA SER A 71 -5.08 -8.86 18.56
C SER A 71 -4.69 -7.51 19.14
N ARG A 72 -5.70 -6.68 19.39
CA ARG A 72 -5.47 -5.35 19.94
C ARG A 72 -6.48 -5.06 21.02
N ASP A 73 -6.17 -4.07 21.84
CA ASP A 73 -7.06 -3.62 22.92
C ASP A 73 -6.95 -2.10 22.99
N THR A 74 -7.90 -1.41 22.36
CA THR A 74 -7.87 0.04 22.32
C THR A 74 -8.07 0.67 23.69
N SER A 75 -8.65 -0.07 24.65
CA SER A 75 -8.90 0.48 25.97
C SER A 75 -7.59 0.76 26.71
N LYS A 76 -6.51 0.06 26.36
CA LYS A 76 -5.22 0.27 27.00
C LYS A 76 -4.10 0.45 26.00
N SER A 77 -4.41 0.57 24.71
CA SER A 77 -3.42 0.77 23.65
C SER A 77 -2.33 -0.32 23.69
N GLN A 78 -2.76 -1.55 23.49
CA GLN A 78 -1.85 -2.69 23.46
C GLN A 78 -2.17 -3.59 22.26
N VAL A 79 -1.11 -4.15 21.68
CA VAL A 79 -1.23 -5.11 20.59
C VAL A 79 -0.50 -6.37 21.02
N VAL A 80 -1.15 -7.52 20.85
CA VAL A 80 -0.64 -8.81 21.34
C VAL A 80 -0.37 -9.70 20.14
N LEU A 81 0.80 -10.32 20.13
CA LEU A 81 1.15 -11.33 19.13
C LEU A 81 1.36 -12.68 19.80
N SER A 82 0.77 -13.72 19.24
CA SER A 82 0.89 -15.07 19.76
C SER A 82 1.39 -16.00 18.67
N MET A 83 2.42 -16.77 18.99
CA MET A 83 3.00 -17.76 18.08
C MET A 83 2.96 -19.13 18.76
N THR A 84 2.35 -20.09 18.09
CA THR A 84 2.24 -21.44 18.64
C THR A 84 3.27 -22.36 17.99
N ASN A 85 3.64 -23.40 18.74
CA ASN A 85 4.56 -24.44 18.28
C ASN A 85 5.90 -23.84 17.87
N MET A 86 6.53 -23.17 18.84
CA MET A 86 7.82 -22.53 18.59
C MET A 86 8.93 -23.56 18.46
N ASP A 87 9.82 -23.34 17.50
CA ASP A 87 10.99 -24.11 17.21
C ASP A 87 12.24 -23.37 17.68
N PRO A 88 13.36 -24.07 17.87
CA PRO A 88 14.61 -23.36 18.20
C PRO A 88 15.05 -22.39 17.12
N VAL A 89 14.62 -22.61 15.87
CA VAL A 89 14.92 -21.68 14.79
C VAL A 89 14.26 -20.32 14.97
N ASP A 90 13.06 -20.28 15.53
CA ASP A 90 12.30 -19.04 15.66
C ASP A 90 12.91 -18.06 16.65
N THR A 91 14.06 -18.34 17.24
CA THR A 91 14.73 -17.37 18.09
C THR A 91 15.18 -16.18 17.26
N ALA A 92 14.87 -14.96 17.72
CA ALA A 92 15.13 -13.75 16.96
C ALA A 92 14.81 -12.54 17.81
N THR A 93 15.04 -11.37 17.23
CA THR A 93 14.66 -10.11 17.85
C THR A 93 13.32 -9.65 17.27
N TYR A 94 12.32 -9.49 18.13
CA TYR A 94 10.97 -9.18 17.69
C TYR A 94 10.70 -7.70 17.86
N TYR A 95 10.36 -7.04 16.76
CA TYR A 95 10.14 -5.60 16.73
C TYR A 95 8.66 -5.30 16.58
N CYS A 96 8.20 -4.28 17.28
CA CYS A 96 6.86 -3.73 17.10
C CYS A 96 6.99 -2.40 16.38
N ALA A 97 6.33 -2.28 15.23
CA ALA A 97 6.44 -1.09 14.39
C ALA A 97 5.05 -0.55 14.11
N ARG A 98 4.97 0.70 13.71
CA ARG A 98 3.71 1.31 13.34
C ARG A 98 3.60 1.38 11.82
N LEU A 99 2.57 0.74 11.26
CA LEU A 99 2.28 0.88 9.84
C LEU A 99 1.44 2.12 9.63
N ALA A 100 2.10 3.24 9.35
CA ALA A 100 1.43 4.48 9.05
C ALA A 100 2.11 5.11 7.85
N ASN A 101 1.39 6.01 7.20
CA ASN A 101 1.92 6.74 6.06
C ASN A 101 2.69 7.95 6.58
N TYR A 102 3.94 8.09 6.16
CA TYR A 102 4.54 9.41 6.18
C TYR A 102 3.78 10.29 5.21
N ASP A 103 4.10 11.58 5.20
CA ASP A 103 3.30 12.61 4.51
C ASP A 103 1.81 12.44 4.82
N PHE A 104 1.50 12.23 6.09
CA PHE A 104 0.12 12.04 6.53
C PHE A 104 -0.77 13.23 6.18
N TRP A 105 -0.19 14.41 5.94
CA TRP A 105 -0.97 15.54 5.49
C TRP A 105 -1.65 15.28 4.14
N SER A 106 -1.14 14.32 3.37
CA SER A 106 -1.72 13.98 2.07
C SER A 106 -2.75 12.87 2.16
N GLY A 107 -3.06 12.38 3.36
CA GLY A 107 -4.01 11.30 3.51
C GLY A 107 -3.32 10.00 3.89
N TYR A 108 -3.99 8.87 3.66
CA TYR A 108 -3.40 7.58 3.98
C TYR A 108 -3.76 6.57 2.89
N SER A 109 -2.90 5.57 2.74
CA SER A 109 -3.11 4.49 1.78
C SER A 109 -2.50 3.23 2.36
N ARG A 110 -3.34 2.22 2.59
CA ARG A 110 -2.87 0.99 3.21
C ARG A 110 -1.93 0.21 2.29
N PHE A 111 -1.98 0.46 0.99
CA PHE A 111 -1.04 -0.19 0.07
C PHE A 111 0.37 0.37 0.24
N SER A 112 0.49 1.67 0.45
CA SER A 112 1.79 2.32 0.53
C SER A 112 2.23 2.65 1.94
N ALA A 113 1.56 2.12 2.96
CA ALA A 113 1.96 2.36 4.33
C ALA A 113 3.33 1.74 4.61
N GLN A 114 4.10 2.37 5.48
CA GLN A 114 5.44 1.93 5.83
C GLN A 114 5.63 1.96 7.33
N PHE A 115 6.62 1.21 7.81
CA PHE A 115 6.93 1.12 9.24
C PHE A 115 7.73 2.35 9.64
N ASP A 116 7.03 3.48 9.75
CA ASP A 116 7.67 4.76 10.00
C ASP A 116 8.21 4.89 11.41
N ASN A 117 7.60 4.22 12.40
CA ASN A 117 8.11 4.21 13.75
C ASN A 117 8.33 2.77 14.19
N TRP A 118 9.48 2.51 14.82
CA TRP A 118 9.85 1.17 15.24
C TRP A 118 10.05 1.14 16.75
N GLY A 119 9.80 -0.02 17.34
CA GLY A 119 10.20 -0.25 18.71
C GLY A 119 11.65 -0.65 18.82
N GLN A 120 12.14 -0.70 20.05
CA GLN A 120 13.54 -1.05 20.28
C GLN A 120 13.79 -2.55 20.11
N GLY A 121 12.75 -3.36 20.11
CA GLY A 121 12.90 -4.79 19.90
C GLY A 121 13.08 -5.55 21.21
N THR A 122 12.64 -6.80 21.17
CA THR A 122 12.80 -7.72 22.31
C THR A 122 13.41 -9.01 21.80
N LEU A 123 14.20 -9.67 22.64
CA LEU A 123 14.92 -10.87 22.24
C LEU A 123 14.20 -12.09 22.79
N VAL A 124 13.79 -12.98 21.91
CA VAL A 124 13.10 -14.21 22.28
C VAL A 124 14.03 -15.39 22.00
N THR A 125 14.30 -16.18 23.03
CA THR A 125 15.19 -17.33 22.92
C THR A 125 14.39 -18.60 23.10
N VAL A 126 14.52 -19.53 22.16
CA VAL A 126 13.89 -20.85 22.23
C VAL A 126 14.99 -21.88 22.31
N SER A 127 15.10 -22.54 23.46
CA SER A 127 16.12 -23.56 23.66
C SER A 127 15.69 -24.45 24.82
N SER A 128 16.31 -25.62 24.90
CA SER A 128 16.01 -26.58 25.96
C SER A 128 16.60 -26.12 27.29
N GLN B 1 14.47 -17.51 2.44
CA GLN B 1 14.71 -16.55 1.38
C GLN B 1 13.61 -15.50 1.33
N SER B 2 13.91 -14.37 0.69
CA SER B 2 13.00 -13.24 0.61
C SER B 2 12.55 -13.02 -0.83
N VAL B 3 11.34 -12.48 -0.99
CA VAL B 3 10.81 -12.21 -2.32
C VAL B 3 11.64 -11.14 -3.02
N LEU B 4 11.99 -10.07 -2.29
CA LEU B 4 12.85 -9.03 -2.84
C LEU B 4 14.31 -9.36 -2.57
N THR B 5 15.15 -9.17 -3.58
CA THR B 5 16.55 -9.55 -3.51
C THR B 5 17.45 -8.32 -3.62
N GLN B 6 18.53 -8.33 -2.84
CA GLN B 6 19.51 -7.26 -2.80
C GLN B 6 20.90 -7.87 -2.85
N PRO B 7 21.89 -7.12 -3.34
CA PRO B 7 23.28 -7.60 -3.28
C PRO B 7 23.72 -7.76 -1.84
N PRO B 8 24.44 -8.83 -1.53
CA PRO B 8 24.87 -9.05 -0.13
C PRO B 8 25.66 -7.90 0.45
N SER B 9 26.52 -7.25 -0.32
CA SER B 9 27.35 -6.18 0.21
C SER B 9 27.79 -5.27 -0.93
N VAL B 10 27.99 -3.99 -0.59
CA VAL B 10 28.52 -2.99 -1.51
C VAL B 10 29.62 -2.22 -0.78
N SER B 11 30.51 -1.60 -1.57
CA SER B 11 31.65 -0.88 -1.01
C SER B 11 31.90 0.37 -1.85
N GLY B 12 32.54 1.35 -1.22
CA GLY B 12 32.90 2.57 -1.89
C GLY B 12 33.86 3.39 -1.08
N ALA B 13 34.58 4.28 -1.78
CA ALA B 13 35.52 5.16 -1.10
C ALA B 13 34.81 6.38 -0.54
N PRO B 14 35.33 6.95 0.54
CA PRO B 14 34.71 8.15 1.12
C PRO B 14 34.50 9.24 0.09
N GLY B 15 33.32 9.85 0.13
CA GLY B 15 33.00 10.92 -0.80
C GLY B 15 32.66 10.46 -2.20
N GLN B 16 32.49 9.16 -2.43
CA GLN B 16 32.21 8.63 -3.75
C GLN B 16 30.82 8.00 -3.76
N ARG B 17 30.17 8.02 -4.92
CA ARG B 17 28.81 7.55 -5.03
C ARG B 17 28.74 6.03 -4.97
N VAL B 18 27.66 5.51 -4.38
CA VAL B 18 27.39 4.09 -4.29
C VAL B 18 25.90 3.87 -4.50
N THR B 19 25.57 2.76 -5.17
CA THR B 19 24.19 2.45 -5.52
C THR B 19 23.85 1.04 -5.06
N ILE B 20 22.69 0.90 -4.41
CA ILE B 20 22.18 -0.39 -3.95
C ILE B 20 20.89 -0.67 -4.70
N SER B 21 20.80 -1.86 -5.30
CA SER B 21 19.68 -2.22 -6.15
C SER B 21 18.75 -3.20 -5.45
N CYS B 22 17.48 -3.17 -5.85
CA CYS B 22 16.44 -4.02 -5.30
C CYS B 22 15.46 -4.37 -6.41
N THR B 23 15.36 -5.66 -6.74
CA THR B 23 14.49 -6.12 -7.81
C THR B 23 13.40 -7.02 -7.23
N GLY B 24 12.22 -6.94 -7.84
CA GLY B 24 11.08 -7.71 -7.36
C GLY B 24 10.48 -8.60 -8.43
N SER B 25 9.34 -9.19 -8.11
CA SER B 25 8.65 -10.12 -8.99
C SER B 25 7.58 -9.39 -9.80
N SER B 26 6.73 -10.15 -10.48
CA SER B 26 5.61 -9.55 -11.20
C SER B 26 4.66 -8.84 -10.25
N SER B 27 4.45 -9.38 -9.06
CA SER B 27 3.74 -8.67 -8.01
C SER B 27 4.70 -7.70 -7.32
N ASN B 28 4.28 -7.17 -6.17
CA ASN B 28 5.00 -6.14 -5.42
C ASN B 28 5.54 -5.05 -6.34
N ILE B 29 6.87 -4.97 -6.51
CA ILE B 29 7.46 -3.87 -7.27
C ILE B 29 6.95 -3.88 -8.71
N GLY B 30 6.83 -5.07 -9.31
CA GLY B 30 6.36 -5.16 -10.68
C GLY B 30 4.91 -4.75 -10.88
N ALA B 31 4.12 -4.73 -9.82
CA ALA B 31 2.72 -4.35 -9.89
C ALA B 31 2.48 -2.89 -9.57
N GLY B 32 3.53 -2.06 -9.59
CA GLY B 32 3.39 -0.64 -9.33
C GLY B 32 3.39 -0.22 -7.88
N TYR B 33 3.64 -1.15 -6.96
CA TYR B 33 3.65 -0.80 -5.54
C TYR B 33 4.93 -0.03 -5.21
N ASP B 34 4.82 0.86 -4.22
CA ASP B 34 5.94 1.70 -3.84
C ASP B 34 7.00 0.90 -3.08
N VAL B 35 8.22 1.44 -3.08
CA VAL B 35 9.36 0.80 -2.43
C VAL B 35 9.90 1.74 -1.37
N HIS B 36 10.09 1.21 -0.16
CA HIS B 36 10.62 1.97 0.96
C HIS B 36 11.95 1.37 1.39
N TRP B 37 12.85 2.21 1.88
CA TRP B 37 14.18 1.80 2.30
C TRP B 37 14.38 2.11 3.76
N TYR B 38 15.01 1.19 4.48
CA TYR B 38 15.28 1.31 5.91
C TYR B 38 16.76 1.16 6.17
N GLN B 39 17.27 1.93 7.12
CA GLN B 39 18.66 1.86 7.53
C GLN B 39 18.75 1.32 8.94
N GLN B 40 19.59 0.30 9.15
CA GLN B 40 19.74 -0.33 10.45
C GLN B 40 21.21 -0.26 10.86
N LEU B 41 21.54 0.72 11.71
CA LEU B 41 22.88 0.80 12.27
C LEU B 41 23.11 -0.35 13.23
N PRO B 42 24.36 -0.74 13.45
CA PRO B 42 24.64 -1.89 14.32
C PRO B 42 24.06 -1.68 15.72
N GLY B 43 23.41 -2.74 16.22
CA GLY B 43 22.84 -2.70 17.56
C GLY B 43 21.70 -1.72 17.74
N THR B 44 20.91 -1.47 16.69
CA THR B 44 19.79 -0.54 16.77
C THR B 44 18.66 -1.02 15.88
N ALA B 45 17.46 -0.51 16.16
CA ALA B 45 16.30 -0.84 15.34
C ALA B 45 16.40 -0.18 13.97
N PRO B 46 15.73 -0.74 12.97
CA PRO B 46 15.74 -0.10 11.65
C PRO B 46 15.09 1.27 11.67
N LYS B 47 15.58 2.14 10.79
CA LYS B 47 15.11 3.52 10.68
C LYS B 47 14.65 3.79 9.27
N LEU B 48 13.46 4.36 9.13
CA LEU B 48 12.94 4.71 7.81
C LEU B 48 13.84 5.75 7.15
N LEU B 49 14.26 5.45 5.93
CA LEU B 49 15.21 6.28 5.20
C LEU B 49 14.63 6.91 3.94
N ILE B 50 13.79 6.18 3.21
CA ILE B 50 13.17 6.64 1.98
C ILE B 50 11.74 6.12 1.98
N TYR B 51 10.77 6.99 2.28
CA TYR B 51 9.43 6.51 2.56
C TYR B 51 8.56 6.31 1.33
N ASP B 52 9.04 6.70 0.15
CA ASP B 52 8.38 6.38 -1.11
C ASP B 52 9.43 6.53 -2.19
N ASN B 53 9.08 6.11 -3.40
CA ASN B 53 9.98 6.33 -4.53
C ASN B 53 10.44 7.78 -4.55
N ASN B 54 11.74 7.97 -4.39
CA ASN B 54 12.43 9.26 -4.29
C ASN B 54 11.78 10.24 -3.32
N ASN B 55 11.19 9.76 -2.24
CA ASN B 55 10.70 10.61 -1.16
C ASN B 55 11.53 10.35 0.09
N ARG B 56 11.78 11.40 0.88
CA ARG B 56 12.72 11.32 1.98
C ARG B 56 12.12 11.96 3.23
N PRO B 57 12.21 11.29 4.38
CA PRO B 57 11.70 11.88 5.62
C PRO B 57 12.58 13.03 6.09
N SER B 58 12.03 13.80 7.03
CA SER B 58 12.79 14.89 7.64
C SER B 58 13.93 14.33 8.47
N GLY B 59 15.06 15.02 8.46
CA GLY B 59 16.25 14.58 9.17
C GLY B 59 17.18 13.69 8.38
N VAL B 60 16.78 13.26 7.18
CA VAL B 60 17.63 12.44 6.32
C VAL B 60 18.35 13.38 5.35
N PRO B 61 19.68 13.34 5.29
CA PRO B 61 20.41 14.25 4.39
C PRO B 61 20.07 13.98 2.93
N ASP B 62 20.18 15.02 2.12
CA ASP B 62 19.80 14.94 0.71
C ASP B 62 20.75 14.07 -0.11
N ARG B 63 21.84 13.58 0.48
CA ARG B 63 22.73 12.68 -0.25
C ARG B 63 22.13 11.30 -0.47
N PHE B 64 21.02 10.98 0.19
CA PHE B 64 20.29 9.74 -0.04
C PHE B 64 19.17 9.99 -1.05
N SER B 65 19.09 9.14 -2.06
CA SER B 65 18.04 9.26 -3.07
C SER B 65 17.69 7.88 -3.58
N GLY B 66 16.48 7.75 -4.10
CA GLY B 66 15.98 6.49 -4.62
C GLY B 66 15.25 6.68 -5.93
N SER B 67 15.03 5.56 -6.61
CA SER B 67 14.32 5.57 -7.88
C SER B 67 13.73 4.19 -8.11
N LYS B 68 12.73 4.13 -9.00
CA LYS B 68 12.08 2.88 -9.35
C LYS B 68 11.92 2.81 -10.86
N SER B 69 12.16 1.63 -11.42
CA SER B 69 12.06 1.43 -12.87
C SER B 69 11.65 -0.02 -13.13
N GLY B 70 10.43 -0.21 -13.63
CA GLY B 70 9.96 -1.55 -13.89
C GLY B 70 9.85 -2.37 -12.62
N THR B 71 10.41 -3.57 -12.64
CA THR B 71 10.41 -4.47 -11.49
C THR B 71 11.62 -4.27 -10.59
N SER B 72 12.28 -3.12 -10.65
CA SER B 72 13.49 -2.88 -9.87
C SER B 72 13.44 -1.50 -9.24
N ALA B 73 14.11 -1.38 -8.09
CA ALA B 73 14.27 -0.11 -7.40
C ALA B 73 15.72 0.01 -6.96
N SER B 74 16.17 1.25 -6.78
CA SER B 74 17.56 1.50 -6.42
C SER B 74 17.64 2.59 -5.38
N LEU B 75 18.67 2.48 -4.53
CA LEU B 75 19.04 3.53 -3.58
C LEU B 75 20.44 4.00 -3.89
N ALA B 76 20.62 5.32 -3.98
CA ALA B 76 21.90 5.90 -4.32
C ALA B 76 22.32 6.86 -3.22
N ILE B 77 23.61 6.84 -2.88
CA ILE B 77 24.17 7.73 -1.88
C ILE B 77 25.26 8.55 -2.57
N THR B 78 25.05 9.86 -2.65
CA THR B 78 25.92 10.75 -3.41
C THR B 78 27.33 10.79 -2.82
N GLY B 79 27.46 11.26 -1.58
CA GLY B 79 28.73 11.22 -0.91
C GLY B 79 28.93 9.90 -0.21
N LEU B 80 29.86 9.89 0.74
CA LEU B 80 30.05 8.72 1.59
C LEU B 80 30.76 9.15 2.85
N GLN B 81 30.02 9.29 3.95
CA GLN B 81 30.59 9.63 5.25
C GLN B 81 30.82 8.36 6.06
N ALA B 82 31.33 8.53 7.27
CA ALA B 82 31.61 7.39 8.13
C ALA B 82 30.31 6.71 8.58
N GLU B 83 29.28 7.50 8.88
CA GLU B 83 28.04 6.96 9.41
C GLU B 83 27.25 6.13 8.40
N ASP B 84 27.58 6.22 7.12
CA ASP B 84 26.92 5.42 6.09
C ASP B 84 27.58 4.04 5.98
N GLU B 85 27.46 3.27 7.06
CA GLU B 85 28.06 1.94 7.12
C GLU B 85 27.12 0.91 7.73
N ALA B 86 25.81 1.04 7.48
CA ALA B 86 24.82 0.20 8.10
C ALA B 86 24.22 -0.78 7.09
N ASP B 87 23.20 -1.51 7.53
CA ASP B 87 22.45 -2.39 6.65
C ASP B 87 21.24 -1.66 6.08
N TYR B 88 21.03 -1.79 4.78
CA TYR B 88 19.94 -1.12 4.09
C TYR B 88 18.97 -2.17 3.56
N TYR B 89 17.70 -2.03 3.93
CA TYR B 89 16.68 -3.03 3.62
C TYR B 89 15.64 -2.44 2.68
N CYS B 90 15.39 -3.15 1.59
CA CYS B 90 14.34 -2.81 0.66
C CYS B 90 13.00 -3.40 1.11
N GLN B 91 11.93 -2.64 0.95
CA GLN B 91 10.63 -3.08 1.42
C GLN B 91 9.56 -2.69 0.41
N SER B 92 8.52 -3.52 0.32
CA SER B 92 7.42 -3.29 -0.61
C SER B 92 6.22 -4.09 -0.14
N PHE B 93 5.07 -3.78 -0.73
CA PHE B 93 3.85 -4.52 -0.47
C PHE B 93 3.63 -5.57 -1.55
N ASP B 94 3.43 -6.82 -1.13
CA ASP B 94 3.23 -7.93 -2.03
C ASP B 94 1.76 -8.32 -2.03
N SER B 95 1.13 -8.29 -3.20
CA SER B 95 -0.30 -8.49 -3.33
C SER B 95 -0.69 -9.90 -3.74
N SER B 96 0.25 -10.84 -3.77
CA SER B 96 -0.03 -12.19 -4.23
C SER B 96 -0.51 -13.10 -3.09
N SER B 97 -1.54 -12.64 -2.36
CA SER B 97 -2.12 -13.42 -1.28
C SER B 97 -3.48 -12.83 -0.95
N LEU B 98 -4.26 -13.60 -0.19
CA LEU B 98 -5.63 -13.20 0.10
C LEU B 98 -5.72 -11.90 0.89
N THR B 99 -4.89 -11.72 1.91
CA THR B 99 -4.92 -10.51 2.72
C THR B 99 -3.77 -9.57 2.42
N GLY B 100 -2.92 -9.91 1.46
CA GLY B 100 -1.75 -9.10 1.17
C GLY B 100 -0.58 -9.47 2.04
N SER B 101 0.61 -8.95 1.71
CA SER B 101 1.81 -9.24 2.45
C SER B 101 2.77 -8.07 2.28
N ARG B 102 3.76 -8.00 3.16
CA ARG B 102 4.79 -6.97 3.11
C ARG B 102 6.16 -7.64 3.15
N VAL B 103 6.93 -7.46 2.08
CA VAL B 103 8.14 -8.23 1.83
C VAL B 103 9.34 -7.33 2.03
N PHE B 104 10.37 -7.86 2.69
CA PHE B 104 11.62 -7.15 2.90
C PHE B 104 12.69 -7.66 1.95
N GLY B 105 13.71 -6.82 1.76
CA GLY B 105 14.87 -7.24 1.00
C GLY B 105 15.81 -8.10 1.81
N GLY B 106 16.83 -8.62 1.14
CA GLY B 106 17.79 -9.47 1.81
C GLY B 106 18.79 -8.74 2.68
N GLY B 107 18.84 -7.42 2.62
CA GLY B 107 19.79 -6.66 3.39
C GLY B 107 21.11 -6.48 2.66
N THR B 108 21.60 -5.25 2.59
CA THR B 108 22.86 -4.93 1.94
C THR B 108 23.78 -4.27 2.95
N LYS B 109 24.95 -4.87 3.17
CA LYS B 109 25.93 -4.31 4.08
C LYS B 109 26.86 -3.37 3.33
N LEU B 110 26.84 -2.10 3.69
CA LEU B 110 27.67 -1.09 3.04
C LEU B 110 28.91 -0.85 3.90
N THR B 111 30.07 -0.90 3.26
CA THR B 111 31.35 -0.67 3.94
C THR B 111 32.04 0.52 3.30
N VAL B 112 32.62 1.36 4.13
CA VAL B 112 33.33 2.57 3.69
C VAL B 112 34.82 2.27 3.74
N LEU B 113 35.47 2.35 2.58
CA LEU B 113 36.89 2.04 2.49
C LEU B 113 37.75 3.24 2.87
N LEU C 353 -27.96 17.07 5.30
CA LEU C 353 -26.54 17.26 5.04
C LEU C 353 -26.26 17.24 3.54
N CYS C 354 -25.55 16.22 3.08
CA CYS C 354 -25.21 16.05 1.68
C CYS C 354 -25.24 14.57 1.36
N PRO C 355 -25.76 14.19 0.20
CA PRO C 355 -25.94 12.75 -0.12
C PRO C 355 -24.63 12.01 -0.44
N PHE C 356 -23.91 11.67 0.62
CA PHE C 356 -22.74 10.81 0.50
C PHE C 356 -23.07 9.33 0.68
N ASP C 357 -24.17 9.00 1.37
CA ASP C 357 -24.58 7.61 1.47
C ASP C 357 -25.04 7.08 0.12
N GLU C 358 -25.56 7.95 -0.74
CA GLU C 358 -25.95 7.55 -2.08
C GLU C 358 -24.76 7.24 -2.98
N VAL C 359 -23.55 7.63 -2.57
CA VAL C 359 -22.33 7.38 -3.35
C VAL C 359 -21.51 6.25 -2.76
N PHE C 360 -21.15 6.36 -1.48
CA PHE C 360 -20.32 5.35 -0.84
C PHE C 360 -21.07 4.08 -0.48
N ASN C 361 -22.37 4.18 -0.21
CA ASN C 361 -23.17 3.02 0.20
C ASN C 361 -24.12 2.57 -0.89
N ALA C 362 -23.82 2.89 -2.16
CA ALA C 362 -24.65 2.44 -3.26
C ALA C 362 -24.62 0.92 -3.35
N THR C 363 -25.77 0.33 -3.70
CA THR C 363 -25.87 -1.13 -3.74
C THR C 363 -25.07 -1.71 -4.88
N ARG C 364 -24.90 -0.96 -5.97
CA ARG C 364 -24.14 -1.41 -7.13
C ARG C 364 -23.28 -0.26 -7.65
N PHE C 365 -22.09 -0.59 -8.15
CA PHE C 365 -21.19 0.39 -8.73
C PHE C 365 -21.05 0.16 -10.23
N ALA C 366 -20.69 1.22 -10.94
CA ALA C 366 -20.50 1.12 -12.38
C ALA C 366 -19.13 0.54 -12.70
N SER C 367 -18.99 0.05 -13.93
CA SER C 367 -17.69 -0.42 -14.40
C SER C 367 -16.76 0.77 -14.63
N VAL C 368 -15.47 0.49 -14.69
CA VAL C 368 -14.48 1.56 -14.81
C VAL C 368 -14.59 2.29 -16.14
N TYR C 369 -14.91 1.55 -17.22
CA TYR C 369 -15.02 2.18 -18.53
C TYR C 369 -16.26 3.05 -18.65
N ALA C 370 -17.24 2.87 -17.77
CA ALA C 370 -18.48 3.64 -17.77
C ALA C 370 -18.74 4.23 -16.39
N TRP C 371 -17.72 4.85 -15.81
CA TRP C 371 -17.78 5.32 -14.44
C TRP C 371 -18.88 6.37 -14.25
N ASN C 372 -19.56 6.30 -13.11
CA ASN C 372 -20.60 7.25 -12.80
C ASN C 372 -20.02 8.63 -12.55
N ARG C 373 -20.88 9.64 -12.62
CA ARG C 373 -20.49 11.02 -12.35
C ARG C 373 -21.67 11.70 -11.68
N LYS C 374 -21.54 11.97 -10.38
CA LYS C 374 -22.59 12.58 -9.58
C LYS C 374 -22.17 13.99 -9.22
N ARG C 375 -23.03 14.97 -9.53
CA ARG C 375 -22.72 16.35 -9.21
C ARG C 375 -23.22 16.70 -7.82
N ILE C 376 -22.34 17.25 -6.99
CA ILE C 376 -22.63 17.57 -5.61
C ILE C 376 -22.68 19.09 -5.49
N SER C 377 -23.81 19.62 -5.01
CA SER C 377 -23.98 21.05 -4.87
C SER C 377 -25.12 21.32 -3.90
N ASN C 378 -25.15 22.53 -3.36
CA ASN C 378 -26.20 23.00 -2.46
C ASN C 378 -26.36 22.08 -1.26
N CYS C 379 -25.24 21.74 -0.63
CA CYS C 379 -25.25 20.93 0.57
C CYS C 379 -24.08 21.33 1.46
N VAL C 380 -24.17 20.95 2.72
CA VAL C 380 -23.07 21.07 3.67
C VAL C 380 -22.50 19.66 3.86
N ALA C 381 -21.18 19.53 3.67
CA ALA C 381 -20.52 18.24 3.69
C ALA C 381 -19.46 18.24 4.79
N ASP C 382 -19.52 17.25 5.68
CA ASP C 382 -18.54 17.10 6.74
C ASP C 382 -17.50 16.06 6.30
N TYR C 383 -16.46 16.56 5.63
CA TYR C 383 -15.38 15.68 5.17
C TYR C 383 -14.59 15.13 6.34
N SER C 384 -14.45 15.91 7.41
CA SER C 384 -13.63 15.50 8.55
C SER C 384 -14.18 14.23 9.20
N VAL C 385 -15.49 14.16 9.40
CA VAL C 385 -16.07 12.98 10.04
C VAL C 385 -15.94 11.76 9.12
N LEU C 386 -16.10 11.97 7.81
CA LEU C 386 -15.95 10.86 6.86
C LEU C 386 -14.54 10.31 6.87
N TYR C 387 -13.54 11.20 6.89
CA TYR C 387 -12.15 10.74 6.94
C TYR C 387 -11.84 10.08 8.27
N ASN C 388 -12.34 10.66 9.37
CA ASN C 388 -11.91 10.24 10.69
C ASN C 388 -12.56 8.92 11.13
N LEU C 389 -13.82 8.69 10.77
CA LEU C 389 -14.52 7.53 11.31
C LEU C 389 -14.76 6.41 10.29
N ALA C 390 -14.83 6.71 9.01
CA ALA C 390 -15.07 5.67 8.02
C ALA C 390 -13.77 4.95 7.69
N PRO C 391 -13.67 3.64 7.95
CA PRO C 391 -12.41 2.89 7.71
C PRO C 391 -12.25 2.40 6.28
N PHE C 392 -11.80 3.30 5.41
CA PHE C 392 -11.52 2.91 4.04
C PHE C 392 -10.14 2.30 3.93
N PHE C 393 -9.91 1.59 2.82
CA PHE C 393 -8.59 1.07 2.52
C PHE C 393 -7.62 2.15 2.05
N THR C 394 -8.14 3.22 1.46
CA THR C 394 -7.31 4.27 0.90
C THR C 394 -8.07 5.58 0.95
N PHE C 395 -7.39 6.64 1.39
CA PHE C 395 -7.97 7.99 1.39
C PHE C 395 -6.81 8.95 1.17
N LYS C 396 -6.55 9.27 -0.10
CA LYS C 396 -5.41 10.08 -0.49
C LYS C 396 -5.89 11.35 -1.15
N CYS C 397 -5.43 12.50 -0.65
CA CYS C 397 -5.74 13.81 -1.21
C CYS C 397 -4.46 14.42 -1.77
N TYR C 398 -4.57 15.03 -2.94
CA TYR C 398 -3.41 15.50 -3.68
C TYR C 398 -3.27 17.01 -3.71
N GLY C 399 -4.34 17.72 -4.06
CA GLY C 399 -4.31 19.16 -4.04
C GLY C 399 -4.77 19.79 -2.75
N VAL C 400 -5.31 18.99 -1.82
CA VAL C 400 -5.86 19.49 -0.57
C VAL C 400 -5.38 18.60 0.57
N SER C 401 -5.72 18.99 1.79
CA SER C 401 -5.43 18.19 2.97
C SER C 401 -6.73 17.68 3.56
N PRO C 402 -6.83 16.38 3.84
CA PRO C 402 -8.11 15.83 4.32
C PRO C 402 -8.56 16.43 5.65
N THR C 403 -7.62 16.76 6.53
CA THR C 403 -7.97 17.25 7.86
C THR C 403 -8.49 18.68 7.87
N LYS C 404 -8.36 19.41 6.76
CA LYS C 404 -8.82 20.80 6.69
C LYS C 404 -9.63 21.03 5.42
N LEU C 405 -10.50 20.07 5.08
CA LEU C 405 -11.40 20.24 3.95
C LEU C 405 -12.65 21.02 4.32
N ASN C 406 -12.94 21.16 5.62
CA ASN C 406 -14.16 21.84 6.04
C ASN C 406 -14.10 23.34 5.84
N ASP C 407 -12.93 23.96 6.09
CA ASP C 407 -12.80 25.40 5.93
C ASP C 407 -12.84 25.87 4.49
N LEU C 408 -12.69 24.96 3.53
CA LEU C 408 -12.73 25.33 2.12
C LEU C 408 -14.15 25.24 1.58
N CYS C 409 -14.44 26.07 0.57
CA CYS C 409 -15.73 26.06 -0.10
C CYS C 409 -15.50 26.03 -1.60
N PHE C 410 -16.33 25.24 -2.28
CA PHE C 410 -16.19 25.03 -3.72
C PHE C 410 -17.51 25.30 -4.42
N THR C 411 -17.42 25.77 -5.66
CA THR C 411 -18.62 26.03 -6.45
C THR C 411 -19.39 24.76 -6.78
N ASN C 412 -18.69 23.65 -7.00
CA ASN C 412 -19.33 22.39 -7.36
C ASN C 412 -18.35 21.26 -7.11
N VAL C 413 -18.89 20.08 -6.81
CA VAL C 413 -18.11 18.89 -6.48
C VAL C 413 -18.65 17.71 -7.26
N TYR C 414 -17.73 16.92 -7.83
CA TYR C 414 -18.07 15.73 -8.59
C TYR C 414 -17.60 14.50 -7.83
N ALA C 415 -18.42 13.45 -7.83
CA ALA C 415 -18.07 12.17 -7.21
C ALA C 415 -18.17 11.08 -8.25
N ASP C 416 -17.02 10.49 -8.61
CA ASP C 416 -16.95 9.44 -9.60
C ASP C 416 -16.72 8.09 -8.92
N SER C 417 -17.55 7.11 -9.25
CA SER C 417 -17.47 5.80 -8.61
C SER C 417 -17.37 4.71 -9.65
N PHE C 418 -16.51 3.73 -9.38
CA PHE C 418 -16.30 2.60 -10.27
C PHE C 418 -15.59 1.50 -9.50
N VAL C 419 -15.55 0.32 -10.10
CA VAL C 419 -14.90 -0.85 -9.51
C VAL C 419 -13.74 -1.27 -10.38
N ILE C 420 -12.56 -1.45 -9.77
CA ILE C 420 -11.36 -1.81 -10.49
C ILE C 420 -10.65 -2.95 -9.79
N ARG C 421 -9.55 -3.38 -10.39
CA ARG C 421 -8.72 -4.45 -9.86
C ARG C 421 -8.00 -3.98 -8.60
N GLY C 422 -7.51 -4.95 -7.82
CA GLY C 422 -6.87 -4.61 -6.55
C GLY C 422 -5.60 -3.80 -6.73
N ASP C 423 -4.71 -4.24 -7.63
CA ASP C 423 -3.45 -3.54 -7.84
C ASP C 423 -3.55 -2.44 -8.89
N GLU C 424 -4.74 -2.19 -9.42
CA GLU C 424 -4.99 -1.10 -10.33
C GLU C 424 -5.37 0.20 -9.61
N VAL C 425 -5.55 0.15 -8.29
CA VAL C 425 -5.83 1.35 -7.51
C VAL C 425 -4.62 2.27 -7.50
N ARG C 426 -3.44 1.72 -7.82
CA ARG C 426 -2.22 2.52 -7.87
C ARG C 426 -2.35 3.66 -8.87
N GLN C 427 -2.94 3.39 -10.03
CA GLN C 427 -2.96 4.33 -11.14
C GLN C 427 -4.17 5.24 -11.13
N ILE C 428 -4.96 5.25 -10.07
CA ILE C 428 -5.94 6.30 -9.88
C ILE C 428 -5.27 7.42 -9.10
N ALA C 429 -4.51 8.26 -9.80
CA ALA C 429 -3.70 9.30 -9.18
C ALA C 429 -3.12 10.15 -10.29
N PRO C 430 -2.78 11.42 -10.00
CA PRO C 430 -2.19 12.28 -11.02
C PRO C 430 -0.85 11.73 -11.50
N GLY C 431 -0.63 11.85 -12.81
CA GLY C 431 0.65 11.47 -13.39
C GLY C 431 0.88 9.98 -13.54
N GLN C 432 -0.12 9.16 -13.28
CA GLN C 432 0.04 7.71 -13.40
C GLN C 432 -0.27 7.24 -14.82
N THR C 433 0.36 6.14 -15.20
CA THR C 433 0.16 5.53 -16.51
C THR C 433 -0.10 4.05 -16.34
N GLY C 434 -0.76 3.48 -17.33
CA GLY C 434 -1.15 2.07 -17.28
C GLY C 434 -2.40 1.85 -18.10
N ASN C 435 -2.99 0.68 -17.92
CA ASN C 435 -4.22 0.36 -18.64
C ASN C 435 -5.36 1.30 -18.25
N ILE C 436 -5.62 1.43 -16.95
CA ILE C 436 -6.77 2.21 -16.48
C ILE C 436 -6.56 3.69 -16.77
N ALA C 437 -5.37 4.21 -16.49
CA ALA C 437 -5.13 5.63 -16.71
C ALA C 437 -5.21 5.99 -18.19
N ASP C 438 -4.66 5.15 -19.05
CA ASP C 438 -4.64 5.47 -20.47
C ASP C 438 -6.00 5.28 -21.13
N TYR C 439 -6.67 4.16 -20.86
CA TYR C 439 -7.83 3.78 -21.65
C TYR C 439 -9.16 3.85 -20.90
N ASN C 440 -9.15 3.88 -19.57
CA ASN C 440 -10.40 3.80 -18.81
C ASN C 440 -10.71 5.09 -18.06
N TYR C 441 -9.81 5.58 -17.21
CA TYR C 441 -10.11 6.74 -16.37
C TYR C 441 -8.81 7.51 -16.15
N LYS C 442 -8.63 8.58 -16.92
CA LYS C 442 -7.45 9.42 -16.79
C LYS C 442 -7.73 10.57 -15.83
N LEU C 443 -6.82 10.78 -14.89
CA LEU C 443 -6.89 11.82 -13.88
C LEU C 443 -5.91 12.94 -14.21
N PRO C 444 -6.32 14.20 -14.10
CA PRO C 444 -5.43 15.30 -14.49
C PRO C 444 -4.18 15.35 -13.64
N ASP C 445 -3.09 15.80 -14.25
CA ASP C 445 -1.81 15.92 -13.54
C ASP C 445 -1.86 17.00 -12.46
N ASP C 446 -2.83 17.91 -12.51
CA ASP C 446 -3.03 18.91 -11.47
C ASP C 446 -4.30 18.66 -10.67
N PHE C 447 -4.62 17.39 -10.44
CA PHE C 447 -5.84 17.03 -9.71
C PHE C 447 -5.79 17.58 -8.29
N THR C 448 -6.92 18.10 -7.82
CA THR C 448 -6.98 18.78 -6.54
C THR C 448 -7.85 18.06 -5.51
N GLY C 449 -8.60 17.04 -5.94
CA GLY C 449 -9.51 16.37 -5.02
C GLY C 449 -8.88 15.25 -4.22
N CYS C 450 -9.69 14.23 -3.88
CA CYS C 450 -9.25 13.11 -3.08
C CYS C 450 -9.71 11.81 -3.74
N VAL C 451 -8.96 10.74 -3.49
CA VAL C 451 -9.27 9.41 -4.03
C VAL C 451 -9.52 8.48 -2.86
N ILE C 452 -10.68 7.82 -2.88
CA ILE C 452 -11.11 6.94 -1.80
C ILE C 452 -11.40 5.57 -2.40
N ALA C 453 -10.86 4.52 -1.77
CA ALA C 453 -11.07 3.17 -2.23
C ALA C 453 -11.17 2.23 -1.04
N TRP C 454 -11.93 1.16 -1.21
CA TRP C 454 -12.04 0.15 -0.16
C TRP C 454 -12.32 -1.20 -0.82
N ASN C 455 -11.90 -2.26 -0.13
CA ASN C 455 -12.05 -3.61 -0.67
C ASN C 455 -13.51 -4.04 -0.60
N SER C 456 -14.02 -4.58 -1.69
CA SER C 456 -15.39 -5.05 -1.77
C SER C 456 -15.46 -6.51 -2.21
N ASN C 457 -14.57 -7.34 -1.67
CA ASN C 457 -14.59 -8.76 -2.00
C ASN C 457 -15.82 -9.47 -1.45
N LYS C 458 -16.47 -8.89 -0.44
CA LYS C 458 -17.65 -9.52 0.14
C LYS C 458 -18.90 -9.30 -0.71
N LEU C 459 -18.87 -8.35 -1.64
CA LEU C 459 -20.04 -8.01 -2.44
C LEU C 459 -19.84 -8.28 -3.92
N ASP C 460 -18.76 -7.78 -4.51
CA ASP C 460 -18.53 -7.85 -5.94
C ASP C 460 -17.83 -9.12 -6.38
N SER C 461 -17.93 -10.19 -5.61
CA SER C 461 -17.23 -11.43 -5.90
C SER C 461 -18.19 -12.60 -5.88
N LYS C 462 -18.00 -13.53 -6.81
CA LYS C 462 -18.82 -14.73 -6.91
C LYS C 462 -17.93 -15.93 -7.12
N VAL C 463 -18.40 -17.09 -6.67
CA VAL C 463 -17.61 -18.32 -6.81
C VAL C 463 -17.46 -18.70 -8.29
N SER C 464 -18.49 -18.46 -9.09
CA SER C 464 -18.43 -18.77 -10.52
C SER C 464 -17.72 -17.68 -11.33
N GLY C 465 -17.33 -16.58 -10.70
CA GLY C 465 -16.72 -15.49 -11.42
C GLY C 465 -17.72 -14.42 -11.81
N ASN C 466 -17.56 -13.21 -11.27
CA ASN C 466 -18.50 -12.11 -11.52
C ASN C 466 -18.00 -11.36 -12.74
N TYR C 467 -18.74 -11.46 -13.85
CA TYR C 467 -18.36 -10.82 -15.10
C TYR C 467 -19.09 -9.50 -15.33
N ASN C 468 -19.77 -8.96 -14.32
CA ASN C 468 -20.58 -7.77 -14.51
C ASN C 468 -19.74 -6.51 -14.72
N TYR C 469 -18.46 -6.53 -14.34
CA TYR C 469 -17.59 -5.37 -14.45
C TYR C 469 -16.63 -5.56 -15.61
N LEU C 470 -16.57 -4.57 -16.50
CA LEU C 470 -15.73 -4.59 -17.68
C LEU C 470 -14.71 -3.46 -17.59
N TYR C 471 -13.60 -3.62 -18.30
CA TYR C 471 -12.61 -2.58 -18.45
C TYR C 471 -12.12 -2.53 -19.89
N ARG C 472 -11.80 -1.34 -20.36
CA ARG C 472 -11.35 -1.15 -21.73
C ARG C 472 -9.91 -1.63 -21.87
N LEU C 473 -9.71 -2.67 -22.67
CA LEU C 473 -8.37 -3.24 -22.88
C LEU C 473 -7.64 -2.61 -24.05
N PHE C 474 -8.35 -2.23 -25.11
CA PHE C 474 -7.73 -1.70 -26.33
C PHE C 474 -8.38 -0.38 -26.70
N ARG C 475 -7.56 0.58 -27.11
CA ARG C 475 -8.05 1.87 -27.58
C ARG C 475 -7.04 2.45 -28.56
N LYS C 476 -7.53 3.38 -29.39
CA LYS C 476 -6.68 4.00 -30.40
C LYS C 476 -5.72 5.01 -29.79
N SER C 477 -6.12 5.68 -28.71
CA SER C 477 -5.29 6.71 -28.11
C SER C 477 -5.66 6.85 -26.64
N ASN C 478 -4.78 7.51 -25.89
CA ASN C 478 -4.99 7.69 -24.46
C ASN C 478 -6.17 8.64 -24.20
N LEU C 479 -6.83 8.42 -23.06
CA LEU C 479 -7.99 9.22 -22.71
C LEU C 479 -7.57 10.62 -22.28
N LYS C 480 -8.42 11.59 -22.61
CA LYS C 480 -8.31 12.92 -22.02
C LYS C 480 -8.76 12.86 -20.56
N PRO C 481 -8.27 13.75 -19.72
CA PRO C 481 -8.70 13.76 -18.32
C PRO C 481 -10.21 13.95 -18.19
N PHE C 482 -10.82 13.19 -17.28
CA PHE C 482 -12.25 13.25 -17.01
C PHE C 482 -13.09 13.03 -18.26
N GLU C 483 -12.69 12.08 -19.09
CA GLU C 483 -13.49 11.66 -20.23
C GLU C 483 -13.66 10.14 -20.22
N ARG C 484 -14.71 9.68 -20.89
CA ARG C 484 -15.04 8.26 -20.90
C ARG C 484 -15.50 7.84 -22.29
N ASP C 485 -15.38 6.54 -22.57
CA ASP C 485 -15.82 5.95 -23.82
C ASP C 485 -16.82 4.85 -23.51
N ILE C 486 -18.11 5.16 -23.61
CA ILE C 486 -19.14 4.15 -23.39
C ILE C 486 -19.36 3.29 -24.62
N SER C 487 -19.34 3.88 -25.81
CA SER C 487 -19.54 3.10 -27.03
C SER C 487 -18.40 2.11 -27.23
N THR C 488 -18.76 0.87 -27.51
CA THR C 488 -17.80 -0.22 -27.70
C THR C 488 -17.96 -0.78 -29.11
N GLU C 489 -16.84 -0.88 -29.82
CA GLU C 489 -16.84 -1.45 -31.16
C GLU C 489 -15.49 -2.08 -31.42
N ILE C 490 -15.46 -3.00 -32.39
CA ILE C 490 -14.29 -3.83 -32.62
C ILE C 490 -13.07 -2.98 -32.94
N TYR C 491 -11.94 -3.34 -32.34
CA TYR C 491 -10.70 -2.59 -32.46
C TYR C 491 -9.81 -3.24 -33.52
N GLN C 492 -9.17 -2.42 -34.35
CA GLN C 492 -8.36 -2.90 -35.45
C GLN C 492 -6.91 -3.03 -35.01
N ALA C 493 -6.39 -4.26 -35.02
CA ALA C 493 -4.97 -4.48 -34.80
C ALA C 493 -4.27 -4.73 -36.13
N GLY C 494 -2.99 -4.37 -36.18
CA GLY C 494 -2.28 -4.50 -37.44
C GLY C 494 -2.74 -3.46 -38.44
N ASN C 495 -2.81 -3.86 -39.70
CA ASN C 495 -3.21 -2.96 -40.78
C ASN C 495 -4.42 -3.44 -41.56
N LYS C 496 -4.84 -4.69 -41.42
CA LYS C 496 -5.98 -5.19 -42.19
C LYS C 496 -7.28 -4.57 -41.69
N PRO C 497 -8.19 -4.21 -42.60
CA PRO C 497 -9.47 -3.65 -42.15
C PRO C 497 -10.34 -4.70 -41.47
N CYS C 498 -11.26 -4.22 -40.64
CA CYS C 498 -12.17 -5.08 -39.90
C CYS C 498 -13.57 -4.95 -40.48
N ASN C 499 -14.31 -6.07 -40.49
CA ASN C 499 -15.67 -6.10 -41.01
C ASN C 499 -16.71 -5.82 -39.95
N GLY C 500 -16.31 -5.49 -38.73
CA GLY C 500 -17.25 -5.27 -37.65
C GLY C 500 -17.50 -6.48 -36.78
N VAL C 501 -16.69 -7.52 -36.91
CA VAL C 501 -16.82 -8.73 -36.09
C VAL C 501 -15.42 -9.11 -35.60
N ALA C 502 -15.37 -9.79 -34.46
CA ALA C 502 -14.10 -10.22 -33.90
C ALA C 502 -13.45 -11.28 -34.80
N GLY C 503 -12.12 -11.29 -34.81
CA GLY C 503 -11.40 -12.23 -35.64
C GLY C 503 -9.96 -12.44 -35.20
N PHE C 504 -9.06 -12.66 -36.17
CA PHE C 504 -7.67 -12.92 -35.84
C PHE C 504 -7.01 -11.69 -35.22
N ASN C 505 -7.17 -10.52 -35.84
CA ASN C 505 -6.60 -9.28 -35.32
C ASN C 505 -7.69 -8.27 -35.00
N CYS C 506 -8.91 -8.73 -34.74
CA CYS C 506 -10.04 -7.87 -34.39
C CYS C 506 -10.54 -8.28 -33.03
N TYR C 507 -10.40 -7.41 -32.04
CA TYR C 507 -10.71 -7.75 -30.66
C TYR C 507 -11.88 -6.93 -30.14
N PHE C 508 -12.63 -7.54 -29.23
CA PHE C 508 -13.62 -6.82 -28.45
C PHE C 508 -12.89 -5.92 -27.46
N PRO C 509 -13.05 -4.59 -27.55
CA PRO C 509 -12.26 -3.71 -26.66
C PRO C 509 -12.58 -3.86 -25.18
N LEU C 510 -13.70 -4.49 -24.82
CA LEU C 510 -14.08 -4.65 -23.43
C LEU C 510 -13.65 -6.04 -22.96
N ARG C 511 -12.87 -6.08 -21.89
CA ARG C 511 -12.45 -7.31 -21.25
C ARG C 511 -13.12 -7.40 -19.88
N SER C 512 -13.52 -8.59 -19.49
CA SER C 512 -14.30 -8.76 -18.27
C SER C 512 -13.43 -9.17 -17.09
N TYR C 513 -13.62 -8.47 -15.97
CA TYR C 513 -13.11 -8.98 -14.70
C TYR C 513 -13.85 -10.26 -14.33
N SER C 514 -13.17 -11.13 -13.59
CA SER C 514 -13.73 -12.41 -13.21
C SER C 514 -13.56 -12.62 -11.71
N PHE C 515 -13.97 -11.62 -10.92
CA PHE C 515 -13.73 -11.63 -9.49
C PHE C 515 -14.25 -12.89 -8.82
N ARG C 516 -13.36 -13.58 -8.12
CA ARG C 516 -13.66 -14.74 -7.29
C ARG C 516 -13.05 -14.55 -5.91
N PRO C 517 -13.61 -15.17 -4.87
CA PRO C 517 -13.10 -14.93 -3.51
C PRO C 517 -11.67 -15.39 -3.30
N THR C 518 -11.12 -16.26 -4.15
CA THR C 518 -9.80 -16.82 -3.93
C THR C 518 -8.71 -16.20 -4.81
N TYR C 519 -8.96 -15.07 -5.47
CA TYR C 519 -7.93 -14.44 -6.29
C TYR C 519 -6.81 -13.81 -5.47
N GLY C 520 -7.08 -13.37 -4.25
CA GLY C 520 -6.06 -12.67 -3.49
C GLY C 520 -6.17 -11.17 -3.65
N VAL C 521 -5.53 -10.42 -2.75
CA VAL C 521 -5.76 -8.98 -2.69
C VAL C 521 -5.34 -8.28 -3.96
N GLY C 522 -4.48 -8.91 -4.76
CA GLY C 522 -4.06 -8.30 -6.01
C GLY C 522 -5.17 -8.17 -7.03
N HIS C 523 -6.04 -9.19 -7.12
CA HIS C 523 -7.11 -9.21 -8.11
C HIS C 523 -8.50 -8.99 -7.53
N GLN C 524 -8.62 -8.79 -6.22
CA GLN C 524 -9.91 -8.59 -5.60
C GLN C 524 -10.49 -7.25 -6.01
N PRO C 525 -11.82 -7.15 -6.12
CA PRO C 525 -12.44 -5.89 -6.55
C PRO C 525 -12.26 -4.80 -5.52
N TYR C 526 -12.07 -3.57 -5.99
CA TYR C 526 -11.97 -2.39 -5.13
C TYR C 526 -12.92 -1.33 -5.63
N ARG C 527 -13.79 -0.85 -4.75
CA ARG C 527 -14.71 0.21 -5.09
C ARG C 527 -14.07 1.57 -4.83
N VAL C 528 -13.93 2.36 -5.88
CA VAL C 528 -13.17 3.61 -5.83
C VAL C 528 -14.12 4.78 -6.00
N VAL C 529 -14.01 5.76 -5.11
CA VAL C 529 -14.75 7.01 -5.21
C VAL C 529 -13.74 8.14 -5.32
N VAL C 530 -13.85 8.94 -6.36
CA VAL C 530 -12.94 10.05 -6.61
C VAL C 530 -13.76 11.34 -6.48
N LEU C 531 -13.34 12.22 -5.58
CA LEU C 531 -14.01 13.48 -5.34
C LEU C 531 -13.21 14.60 -6.01
N SER C 532 -13.88 15.36 -6.87
CA SER C 532 -13.25 16.47 -7.59
C SER C 532 -13.82 17.78 -7.06
N PHE C 533 -12.94 18.71 -6.73
CA PHE C 533 -13.37 19.99 -6.17
C PHE C 533 -13.22 21.12 -7.19
N ALA C 540 -19.64 28.88 -4.15
CA ALA C 540 -19.43 28.47 -2.76
C ALA C 540 -20.65 27.74 -2.21
N THR C 541 -21.29 26.94 -3.06
CA THR C 541 -22.51 26.25 -2.65
C THR C 541 -22.22 25.00 -1.83
N VAL C 542 -20.97 24.55 -1.78
CA VAL C 542 -20.58 23.39 -0.96
C VAL C 542 -19.59 23.88 0.08
N CYS C 543 -19.92 23.67 1.36
CA CYS C 543 -19.09 24.13 2.45
C CYS C 543 -19.17 23.12 3.59
N GLY C 544 -18.20 23.18 4.48
CA GLY C 544 -18.14 22.27 5.62
C GLY C 544 -18.86 22.78 6.85
C1 NAG D . -22.71 3.90 5.01
C2 NAG D . -22.78 5.24 5.74
C3 NAG D . -21.99 5.18 7.05
C4 NAG D . -22.44 4.00 7.89
C5 NAG D . -22.37 2.71 7.08
C6 NAG D . -22.91 1.52 7.81
C7 NAG D . -21.09 6.44 4.39
C8 NAG D . -20.83 7.65 3.55
N2 NAG D . -22.33 6.34 4.90
O3 NAG D . -22.18 6.39 7.76
O4 NAG D . -21.61 3.87 9.04
O5 NAG D . -23.17 2.85 5.88
O6 NAG D . -22.17 1.27 9.00
O7 NAG D . -20.23 5.60 4.59
#